data_7ZEK
#
_entry.id   7ZEK
#
_entity_poly.entity_id   1
_entity_poly.type   'polydeoxyribonucleotide'
_entity_poly.pdbx_seq_one_letter_code
;(L1J)(DG)(DC)(DT)(DA)(BGM)(DG)(DG)(DT)(DC)(DA)(DG)(DG)(DG)(DT)(DG)(DG)(DG)(DT)
(DC)(DA)(DG)
;
_entity_poly.pdbx_strand_id   A
#
loop_
_chem_comp.id
_chem_comp.type
_chem_comp.name
_chem_comp.formula
BGM DNA linking 8-BROMO-2'-DEOXYGUANOSINE-5'-MONOPHOSPHATE 'C10 H13 Br N5 O7 P'
DA DNA linking 2'-DEOXYADENOSINE-5'-MONOPHOSPHATE 'C10 H14 N5 O6 P'
DC DNA linking 2'-DEOXYCYTIDINE-5'-MONOPHOSPHATE 'C9 H14 N3 O7 P'
DG DNA linking 2'-DEOXYGUANOSINE-5'-MONOPHOSPHATE 'C10 H14 N5 O7 P'
DT DNA linking THYMIDINE-5'-MONOPHOSPHATE 'C10 H15 N2 O8 P'
L1J non-polymer 2-azanyl-9-[(2~{R},4~{S},5~{R})-5-(hydroxymethyl)-4-oxidanyl-oxolan-2-yl]-1~{H}-purin-6-one 'C10 H13 N5 O4'
#
# COMPACT_ATOMS: atom_id res chain seq x y z
O5' L1J A 1 -1.76 0.89 -3.36
C5' L1J A 1 -2.04 1.21 -4.72
C4' L1J A 1 -0.79 1.36 -5.59
O4' L1J A 1 0.04 2.40 -5.07
C1' L1J A 1 1.33 1.86 -4.85
N9 L1J A 1 2.03 2.56 -3.75
C8 L1J A 1 3.20 3.28 -3.84
N7 L1J A 1 3.55 3.89 -2.74
C5 L1J A 1 2.53 3.54 -1.84
C4 L1J A 1 1.60 2.71 -2.43
N3 L1J A 1 0.50 2.18 -1.85
C2 L1J A 1 0.39 2.50 -0.56
N1 L1J A 1 1.24 3.32 0.11
C6 L1J A 1 2.33 3.92 -0.47
O6 L1J A 1 3.02 4.68 0.21
N2 L1J A 1 -0.65 2.04 0.08
C2' L1J A 1 1.15 0.36 -4.63
C3' L1J A 1 0.07 0.08 -5.67
O3' L1J A 1 0.61 -0.03 -6.99
HO5' L1J A 1 -1.01 1.44 -3.05
H5'2 L1J A 1 -2.68 0.44 -5.13
H5'1 L1J A 1 -2.60 2.15 -4.75
H4' L1J A 1 -1.11 1.63 -6.60
H1' L1J A 1 1.92 1.98 -5.77
H8 L1J A 1 3.77 3.34 -4.76
HN1 L1J A 1 1.09 3.51 1.10
HN22 L1J A 1 -1.26 1.42 -0.43
HN21 L1J A 1 -0.80 2.22 1.06
H2'2 L1J A 1 2.07 -0.18 -4.81
H2'1 L1J A 1 0.78 0.15 -3.63
H3' L1J A 1 -0.52 -0.81 -5.41
P BGM A 6 -0.08 -3.91 0.14
OP1 BGM A 6 -0.62 -5.12 -0.53
OP2 BGM A 6 0.10 -2.66 -0.66
O5' BGM A 6 -1.02 -3.54 1.39
C5' BGM A 6 -1.43 -4.54 2.34
C4' BGM A 6 -2.08 -3.91 3.58
O4' BGM A 6 -1.11 -3.19 4.33
C1' BGM A 6 -1.63 -1.89 4.60
N9 BGM A 6 -0.55 -0.88 4.79
C8 BGM A 6 -0.21 -0.21 5.95
N7 BGM A 6 0.86 0.54 5.84
C5 BGM A 6 1.27 0.34 4.53
C4 BGM A 6 0.42 -0.52 3.87
N3 BGM A 6 0.55 -0.93 2.57
C2 BGM A 6 1.59 -0.39 1.93
N2 BGM A 6 1.78 -0.73 0.68
N1 BGM A 6 2.48 0.47 2.50
C6 BGM A 6 2.41 0.87 3.82
O6 BGM A 6 3.29 1.60 4.26
C2' BGM A 6 -2.60 -1.57 3.46
C3' BGM A 6 -3.23 -2.95 3.22
O3' BGM A 6 -4.34 -3.21 4.09
BR BGM A 6 -1.14 -0.32 7.59
H5' BGM A 6 -0.55 -5.11 2.65
H5'' BGM A 6 -2.12 -5.22 1.86
H4' BGM A 6 -2.48 -4.72 4.19
H1' BGM A 6 -2.22 -1.95 5.52
H21 BGM A 6 2.53 -0.33 0.12
H22 BGM A 6 1.13 -1.39 0.26
H1 BGM A 6 3.23 0.85 1.95
H2' BGM A 6 -3.32 -0.83 3.76
H2'' BGM A 6 -2.07 -1.25 2.57
H3' BGM A 6 -3.53 -3.06 2.18
O5' L1J A 1 -1.72 1.23 -3.10
C5' L1J A 1 -2.00 1.59 -4.45
C4' L1J A 1 -0.73 1.68 -5.32
O4' L1J A 1 0.13 2.68 -4.78
C1' L1J A 1 1.42 2.12 -4.59
N9 L1J A 1 2.10 2.79 -3.45
C8 L1J A 1 3.20 3.60 -3.54
N7 L1J A 1 3.49 4.22 -2.42
C5 L1J A 1 2.50 3.78 -1.54
C4 L1J A 1 1.66 2.89 -2.15
N3 L1J A 1 0.59 2.25 -1.57
C2 L1J A 1 0.45 2.55 -0.28
N1 L1J A 1 1.23 3.42 0.42
C6 L1J A 1 2.27 4.12 -0.16
O6 L1J A 1 2.89 4.93 0.53
N2 L1J A 1 -0.54 1.97 0.34
C2' L1J A 1 1.22 0.61 -4.42
C3' L1J A 1 0.04 0.34 -5.37
O3' L1J A 1 0.37 -0.08 -6.71
HO5' L1J A 1 -0.92 1.70 -2.79
H5'2 L1J A 1 -2.67 0.86 -4.89
H5'1 L1J A 1 -2.50 2.56 -4.47
H4' L1J A 1 -1.03 1.96 -6.33
H1' L1J A 1 2.01 2.28 -5.48
H8 L1J A 1 3.78 3.71 -4.45
HN1 L1J A 1 1.09 3.55 1.41
HN22 L1J A 1 -1.08 1.30 -0.18
HN21 L1J A 1 -0.73 2.14 1.33
H2'2 L1J A 1 2.10 0.05 -4.69
H2'1 L1J A 1 0.93 0.38 -3.41
H3' L1J A 1 -0.57 -0.44 -4.93
P BGM A 6 -0.25 -3.60 0.28
OP1 BGM A 6 -0.83 -4.77 -0.41
OP2 BGM A 6 -0.08 -2.32 -0.47
O5' BGM A 6 -1.11 -3.29 1.60
C5' BGM A 6 -1.46 -4.32 2.52
C4' BGM A 6 -2.04 -3.74 3.82
O4' BGM A 6 -1.02 -3.08 4.55
C1' BGM A 6 -1.48 -1.78 4.89
N9 BGM A 6 -0.36 -0.82 5.05
C8 BGM A 6 0.07 -0.21 6.22
N7 BGM A 6 1.18 0.46 6.10
C5 BGM A 6 1.52 0.32 4.76
C4 BGM A 6 0.58 -0.46 4.10
N3 BGM A 6 0.63 -0.79 2.78
C2 BGM A 6 1.67 -0.28 2.12
N2 BGM A 6 1.79 -0.55 0.84
N1 BGM A 6 2.63 0.51 2.68
C6 BGM A 6 2.64 0.83 4.03
O6 BGM A 6 3.59 1.48 4.45
C2' BGM A 6 -2.50 -1.40 3.82
C3' BGM A 6 -3.18 -2.74 3.56
O3' BGM A 6 -4.25 -3.03 4.44
BR BGM A 6 -0.79 -0.35 7.91
H5' BGM A 6 -0.56 -4.90 2.77
H5'' BGM A 6 -2.18 -4.99 2.06
H4' BGM A 6 -2.43 -4.58 4.41
H1' BGM A 6 -2.02 -1.85 5.83
H21 BGM A 6 2.54 -0.16 0.28
H22 BGM A 6 1.08 -1.15 0.41
H1 BGM A 6 3.35 0.91 2.11
H2' BGM A 6 -3.20 -0.65 4.19
H2'' BGM A 6 -2.01 -1.04 2.91
H3' BGM A 6 -3.51 -2.81 2.52
O5' L1J A 1 -1.64 0.61 -3.72
C5' L1J A 1 -1.90 0.85 -5.10
C4' L1J A 1 -0.61 1.00 -5.95
O4' L1J A 1 0.16 2.09 -5.44
C1' L1J A 1 1.48 1.60 -5.20
N9 L1J A 1 2.15 2.36 -4.12
C8 L1J A 1 3.26 3.17 -4.23
N7 L1J A 1 3.57 3.83 -3.14
C5 L1J A 1 2.58 3.41 -2.23
C4 L1J A 1 1.72 2.50 -2.82
N3 L1J A 1 0.66 1.89 -2.22
C2 L1J A 1 0.53 2.22 -0.94
N1 L1J A 1 1.31 3.09 -0.28
C6 L1J A 1 2.36 3.77 -0.86
O6 L1J A 1 2.99 4.57 -0.17
N2 L1J A 1 -0.48 1.69 -0.29
C2' L1J A 1 1.33 0.11 -4.92
C3' L1J A 1 0.28 -0.24 -5.97
O3' L1J A 1 0.85 -0.38 -7.28
HO5' L1J A 1 -0.90 1.17 -3.43
H5'2 L1J A 1 -2.47 0.02 -5.51
H5'1 L1J A 1 -2.49 1.75 -5.21
H4' L1J A 1 -0.91 1.23 -6.97
H1' L1J A 1 2.06 1.72 -6.12
H8 L1J A 1 3.81 3.26 -5.16
HN1 L1J A 1 1.16 3.27 0.71
HN22 L1J A 1 -1.03 1.02 -0.79
HN21 L1J A 1 -0.66 1.91 0.68
H2'2 L1J A 1 2.28 -0.41 -5.06
H2'1 L1J A 1 0.94 -0.07 -3.92
H3' L1J A 1 -0.28 -1.14 -5.68
P BGM A 6 -0.26 -3.95 -0.11
OP1 BGM A 6 -0.80 -5.15 -0.79
OP2 BGM A 6 0.00 -2.71 -0.90
O5' BGM A 6 -1.24 -3.54 1.10
C5' BGM A 6 -1.75 -4.52 2.01
C4' BGM A 6 -2.39 -3.87 3.24
O4' BGM A 6 -1.40 -3.22 4.03
C1' BGM A 6 -1.86 -1.90 4.31
N9 BGM A 6 -0.74 -0.95 4.56
C8 BGM A 6 -0.42 -0.28 5.72
N7 BGM A 6 0.69 0.41 5.65
C5 BGM A 6 1.15 0.18 4.37
C4 BGM A 6 0.29 -0.64 3.67
N3 BGM A 6 0.44 -1.05 2.37
C2 BGM A 6 1.53 -0.56 1.77
N2 BGM A 6 1.73 -0.89 0.52
N1 BGM A 6 2.43 0.26 2.37
C6 BGM A 6 2.34 0.66 3.69
O6 BGM A 6 3.24 1.36 4.16
C2' BGM A 6 -2.79 -1.51 3.17
C3' BGM A 6 -3.49 -2.84 2.88
O3' BGM A 6 -4.63 -3.04 3.70
BR BGM A 6 -1.45 -0.30 7.30
H5' BGM A 6 -0.93 -5.16 2.34
H5'' BGM A 6 -2.49 -5.14 1.50
H4' BGM A 6 -2.86 -4.66 3.84
H1' BGM A 6 -2.48 -1.96 5.21
H21 BGM A 6 2.50 -0.51 0.00
H22 BGM A 6 1.06 -1.51 0.08
H1 BGM A 6 3.20 0.64 1.84
H2' BGM A 6 -3.48 -0.74 3.47
H2'' BGM A 6 -2.22 -1.19 2.29
H3' BGM A 6 -3.74 -2.90 1.82
O5' L1J A 1 -2.10 1.33 -2.67
C5' L1J A 1 -2.47 1.64 -4.02
C4' L1J A 1 -1.28 1.82 -4.96
O4' L1J A 1 -0.44 2.87 -4.48
C1' L1J A 1 0.89 2.38 -4.38
N9 L1J A 1 1.67 3.06 -3.33
C8 L1J A 1 2.79 3.83 -3.51
N7 L1J A 1 3.22 4.44 -2.44
C5 L1J A 1 2.30 4.05 -1.46
C4 L1J A 1 1.35 3.20 -1.99
N3 L1J A 1 0.31 2.61 -1.31
C2 L1J A 1 0.31 2.92 -0.01
N1 L1J A 1 1.19 3.75 0.60
C6 L1J A 1 2.21 4.39 -0.07
O6 L1J A 1 2.92 5.16 0.57
N2 L1J A 1 -0.65 2.41 0.72
C2' L1J A 1 0.75 0.87 -4.17
C3' L1J A 1 -0.41 0.56 -5.10
O3' L1J A 1 0.01 0.43 -6.46
HO5' L1J A 1 -1.33 1.90 -2.43
H5'2 L1J A 1 -3.10 0.84 -4.40
H5'1 L1J A 1 -3.06 2.56 -4.04
H4' L1J A 1 -1.66 2.09 -5.95
H1' L1J A 1 1.38 2.51 -5.35
H8 L1J A 1 3.28 3.92 -4.49
HN1 L1J A 1 1.11 3.92 1.58
HN22 L1J A 1 -1.29 1.78 0.26
HN21 L1J A 1 -0.72 2.59 1.71
H2'2 L1J A 1 1.67 0.34 -4.43
H2'1 L1J A 1 0.47 0.65 -3.14
H3' L1J A 1 -0.96 -0.33 -4.78
P BGM A 6 -0.35 -3.73 0.48
OP1 BGM A 6 -0.91 -4.95 -0.17
OP2 BGM A 6 -0.25 -2.48 -0.31
O5' BGM A 6 -1.21 -3.41 1.80
C5' BGM A 6 -1.54 -4.43 2.75
C4' BGM A 6 -2.14 -3.84 4.03
O4' BGM A 6 -1.14 -3.15 4.77
C1' BGM A 6 -1.63 -1.85 5.09
N9 BGM A 6 -0.53 -0.86 5.26
C8 BGM A 6 -0.12 -0.21 6.41
N7 BGM A 6 0.91 0.57 6.25
C5 BGM A 6 1.24 0.43 4.90
C4 BGM A 6 0.37 -0.46 4.28
N3 BGM A 6 0.42 -0.85 2.98
C2 BGM A 6 1.39 -0.25 2.28
N2 BGM A 6 1.49 -0.56 1.01
N1 BGM A 6 2.28 0.63 2.79
C6 BGM A 6 2.29 1.00 4.13
O6 BGM A 6 3.18 1.77 4.51
C2' BGM A 6 -2.63 -1.50 4.00
C3' BGM A 6 -3.29 -2.85 3.73
O3' BGM A 6 -4.39 -3.13 4.60
BR BGM A 6 -0.92 -0.41 8.12
H5' BGM A 6 -0.64 -5.00 3.01
H5'' BGM A 6 -2.25 -5.12 2.30
H4' BGM A 6 -2.52 -4.66 4.63
H1' BGM A 6 -2.18 -1.92 6.03
H21 BGM A 6 2.18 -0.14 0.40
H22 BGM A 6 0.83 -1.24 0.62
H1 BGM A 6 2.98 1.04 2.19
H2' BGM A 6 -3.34 -0.75 4.33
H2'' BGM A 6 -2.14 -1.16 3.09
H3' BGM A 6 -3.60 -2.93 2.69
O5' L1J A 1 -1.93 0.82 -3.50
C5' L1J A 1 -2.16 1.12 -4.86
C4' L1J A 1 -0.87 1.33 -5.69
O4' L1J A 1 -0.09 2.37 -5.09
C1' L1J A 1 1.21 1.87 -4.88
N9 L1J A 1 1.91 2.54 -3.76
C8 L1J A 1 3.05 3.31 -3.85
N7 L1J A 1 3.45 3.81 -2.71
C5 L1J A 1 2.49 3.37 -1.81
C4 L1J A 1 1.53 2.60 -2.43
N3 L1J A 1 0.44 2.01 -1.85
C2 L1J A 1 0.38 2.22 -0.54
N1 L1J A 1 1.27 2.95 0.17
C6 L1J A 1 2.36 3.58 -0.39
O6 L1J A 1 3.10 4.23 0.34
N2 L1J A 1 -0.66 1.73 0.08
C2' L1J A 1 1.05 0.36 -4.68
C3' L1J A 1 0.02 0.07 -5.76
O3' L1J A 1 0.59 0.00 -7.08
HO5' L1J A 1 -1.18 1.37 -3.17
H5'2 L1J A 1 -2.73 0.31 -5.32
H5'1 L1J A 1 -2.75 2.03 -4.93
H4' L1J A 1 -1.15 1.62 -6.69
H1' L1J A 1 1.80 2.02 -5.79
H8 L1J A 1 3.57 3.46 -4.78
HN1 L1J A 1 1.13 3.09 1.17
HN22 L1J A 1 -1.30 1.18 -0.46
HN21 L1J A 1 -0.78 1.82 1.09
H2'2 L1J A 1 1.99 -0.17 -4.83
H2'1 L1J A 1 0.65 0.12 -3.70
H3' L1J A 1 -0.55 -0.83 -5.54
P BGM A 6 -0.08 -3.96 -0.42
OP1 BGM A 6 -0.64 -5.10 -1.19
OP2 BGM A 6 0.03 -2.63 -1.08
O5' BGM A 6 -0.94 -3.77 0.93
C5' BGM A 6 -1.29 -4.87 1.74
C4' BGM A 6 -1.93 -4.43 3.07
O4' BGM A 6 -0.97 -3.77 3.88
C1' BGM A 6 -1.55 -2.57 4.36
N9 BGM A 6 -0.51 -1.55 4.70
C8 BGM A 6 -0.18 -1.03 5.93
N7 BGM A 6 0.84 -0.23 5.93
C5 BGM A 6 1.26 -0.23 4.60
C4 BGM A 6 0.44 -1.03 3.84
N3 BGM A 6 0.57 -1.25 2.49
C2 BGM A 6 1.60 -0.61 1.94
N2 BGM A 6 1.81 -0.78 0.66
N1 BGM A 6 2.47 0.19 2.62
C6 BGM A 6 2.37 0.43 3.98
O6 BGM A 6 3.22 1.15 4.50
C2' BGM A 6 -2.54 -2.13 3.28
C3' BGM A 6 -3.14 -3.48 2.87
O3' BGM A 6 -4.20 -3.91 3.73
BR BGM A 6 -1.08 -1.42 7.55
H5' BGM A 6 -0.40 -5.46 1.97
H5'' BGM A 6 -2.00 -5.51 1.20
H4' BGM A 6 -2.28 -5.33 3.59
H1' BGM A 6 -2.12 -2.80 5.26
H21 BGM A 6 2.58 -0.34 0.17
H22 BGM A 6 1.17 -1.40 0.16
H1 BGM A 6 3.24 0.63 2.14
H2' BGM A 6 -3.29 -1.46 3.69
H2'' BGM A 6 -2.04 -1.68 2.43
H3' BGM A 6 -3.45 -3.46 1.83
O5' L1J A 1 -1.88 0.96 -3.62
C5' L1J A 1 -2.09 1.28 -4.99
C4' L1J A 1 -0.81 1.42 -5.81
O4' L1J A 1 0.01 2.44 -5.25
C1' L1J A 1 1.29 1.89 -4.99
N9 L1J A 1 1.96 2.57 -3.86
C8 L1J A 1 3.11 3.32 -3.92
N7 L1J A 1 3.45 3.88 -2.79
C5 L1J A 1 2.43 3.49 -1.92
C4 L1J A 1 1.51 2.68 -2.55
N3 L1J A 1 0.40 2.11 -2.00
C2 L1J A 1 0.28 2.38 -0.70
N1 L1J A 1 1.13 3.17 0.02
C6 L1J A 1 2.23 3.79 -0.53
O6 L1J A 1 2.92 4.52 0.18
N2 L1J A 1 -0.77 1.88 -0.10
C2' L1J A 1 1.07 0.39 -4.78
C3' L1J A 1 0.03 0.13 -5.86
O3' L1J A 1 0.61 0.00 -7.16
HO5' L1J A 1 -1.12 1.48 -3.28
H5'2 L1J A 1 -2.74 0.52 -5.43
H5'1 L1J A 1 -2.63 2.24 -5.04
H4' L1J A 1 -1.08 1.69 -6.83
H1' L1J A 1 1.90 2.01 -5.89
H8 L1J A 1 3.69 3.42 -4.83
HN1 L1J A 1 0.96 3.33 1.00
HN22 L1J A 1 -1.37 1.30 -0.65
HN21 L1J A 1 -0.94 2.03 0.89
H2'2 L1J A 1 1.99 -0.17 -4.91
H2'1 L1J A 1 0.64 0.19 -3.79
H3' L1J A 1 -0.57 -0.75 -5.61
P BGM A 6 -0.33 -3.82 -0.04
OP1 BGM A 6 -0.92 -4.99 -0.76
OP2 BGM A 6 -0.18 -2.53 -0.75
O5' BGM A 6 -1.20 -3.56 1.28
C5' BGM A 6 -1.56 -4.62 2.17
C4' BGM A 6 -2.26 -4.08 3.43
O4' BGM A 6 -1.31 -3.38 4.25
C1' BGM A 6 -1.83 -2.09 4.54
N9 BGM A 6 -0.74 -1.10 4.77
C8 BGM A 6 -0.39 -0.48 5.95
N7 BGM A 6 0.68 0.27 5.88
C5 BGM A 6 1.09 0.13 4.55
C4 BGM A 6 0.23 -0.69 3.85
N3 BGM A 6 0.36 -1.04 2.54
C2 BGM A 6 1.40 -0.46 1.92
N2 BGM A 6 1.59 -0.73 0.65
N1 BGM A 6 2.29 0.37 2.54
C6 BGM A 6 2.22 0.70 3.88
O6 BGM A 6 3.11 1.41 4.36
C2' BGM A 6 -2.79 -1.76 3.40
C3' BGM A 6 -3.42 -3.13 3.11
O3' BGM A 6 -4.53 -3.44 3.94
BR BGM A 6 -1.30 -0.67 7.60
H5' BGM A 6 -0.67 -5.16 2.46
H5'' BGM A 6 -2.23 -5.30 1.66
H4' BGM A 6 -2.65 -4.93 3.99
H1' BGM A 6 -2.43 -2.17 5.44
H21 BGM A 6 2.35 -0.31 0.13
H22 BGM A 6 0.93 -1.36 0.20
H1 BGM A 6 3.04 0.77 2.01
H2' BGM A 6 -3.53 -1.03 3.71
H2'' BGM A 6 -2.26 -1.39 2.52
H3' BGM A 6 -3.69 -3.20 2.05
O5' L1J A 1 -1.95 1.58 -3.34
C5' L1J A 1 -2.17 2.02 -4.68
C4' L1J A 1 -0.88 2.12 -5.52
O4' L1J A 1 0.00 3.07 -4.91
C1' L1J A 1 1.25 2.44 -4.73
N9 L1J A 1 1.97 3.01 -3.56
C8 L1J A 1 3.15 3.71 -3.59
N7 L1J A 1 3.51 4.19 -2.43
C5 L1J A 1 2.49 3.77 -1.57
C4 L1J A 1 1.55 3.04 -2.25
N3 L1J A 1 0.42 2.47 -1.72
C2 L1J A 1 0.32 2.65 -0.40
N1 L1J A 1 1.19 3.35 0.36
C6 L1J A 1 2.31 3.98 -0.16
O6 L1J A 1 3.02 4.63 0.60
N2 L1J A 1 -0.73 2.12 0.17
C2' L1J A 1 0.97 0.95 -4.61
C3' L1J A 1 -0.12 0.79 -5.66
O3' L1J A 1 0.40 0.71 -6.99
HO5' L1J A 1 -1.14 2.03 -2.99
H5'2 L1J A 1 -2.85 1.33 -5.17
H5'1 L1J A 1 -2.65 3.01 -4.66
H4' L1J A 1 -1.15 2.48 -6.51
H1' L1J A 1 1.86 2.59 -5.62
H8 L1J A 1 3.72 3.86 -4.50
HN1 L1J A 1 1.05 3.45 1.35
HN22 L1J A 1 -1.34 1.59 -0.41
HN21 L1J A 1 -0.87 2.20 1.17
H2'2 L1J A 1 1.86 0.35 -4.82
H2'1 L1J A 1 0.58 0.69 -3.62
H3' L1J A 1 -0.77 -0.06 -5.44
P BGM A 6 -0.37 -3.60 -0.18
OP1 BGM A 6 -0.98 -4.71 -0.94
OP2 BGM A 6 -0.19 -2.28 -0.84
O5' BGM A 6 -1.22 -3.35 1.16
C5' BGM A 6 -1.64 -4.43 1.99
C4' BGM A 6 -2.28 -3.92 3.30
O4' BGM A 6 -1.28 -3.32 4.13
C1' BGM A 6 -1.73 -2.03 4.52
N9 BGM A 6 -0.58 -1.11 4.78
C8 BGM A 6 -0.17 -0.60 6.00
N7 BGM A 6 0.94 0.08 5.95
C5 BGM A 6 1.30 0.02 4.60
C4 BGM A 6 0.37 -0.69 3.88
N3 BGM A 6 0.43 -0.93 2.53
C2 BGM A 6 1.48 -0.37 1.92
N2 BGM A 6 1.59 -0.55 0.63
N1 BGM A 6 2.43 0.36 2.56
C6 BGM A 6 2.44 0.57 3.93
O6 BGM A 6 3.38 1.18 4.41
C2' BGM A 6 -2.70 -1.58 3.44
C3' BGM A 6 -3.39 -2.89 3.06
O3' BGM A 6 -4.50 -3.20 3.90
BR BGM A 6 -1.06 -0.84 7.66
H5' BGM A 6 -0.77 -5.04 2.25
H5'' BGM A 6 -2.36 -5.05 1.46
H4' BGM A 6 -2.70 -4.78 3.82
H1' BGM A 6 -2.32 -2.15 5.44
H21 BGM A 6 2.36 -0.14 0.10
H22 BGM A 6 0.90 -1.13 0.15
H1 BGM A 6 3.19 0.76 2.03
H2' BGM A 6 -3.40 -0.83 3.81
H2'' BGM A 6 -2.18 -1.18 2.57
H3' BGM A 6 -3.69 -2.89 2.02
O5' L1J A 1 -1.73 0.75 -3.59
C5' L1J A 1 -1.99 1.08 -4.94
C4' L1J A 1 -0.73 1.24 -5.81
O4' L1J A 1 0.07 2.28 -5.27
C1' L1J A 1 1.38 1.78 -5.05
N9 L1J A 1 2.05 2.48 -3.92
C8 L1J A 1 3.16 3.26 -4.01
N7 L1J A 1 3.46 3.87 -2.89
C5 L1J A 1 2.47 3.46 -2.01
C4 L1J A 1 1.60 2.58 -2.62
N3 L1J A 1 0.51 1.97 -2.04
C2 L1J A 1 0.37 2.28 -0.76
N1 L1J A 1 1.18 3.13 -0.06
C6 L1J A 1 2.23 3.81 -0.64
O6 L1J A 1 2.87 4.60 0.05
N2 L1J A 1 -0.64 1.73 -0.14
C2' L1J A 1 1.22 0.28 -4.83
C3' L1J A 1 0.15 -0.03 -5.88
O3' L1J A 1 0.70 -0.14 -7.20
HO5' L1J A 1 -0.97 1.28 -3.26
H5'2 L1J A 1 -2.63 0.30 -5.38
H5'1 L1J A 1 -2.54 2.02 -4.98
H4' L1J A 1 -1.04 1.51 -6.82
H1' L1J A 1 1.97 1.91 -5.95
H8 L1J A 1 3.74 3.37 -4.91
HN1 L1J A 1 1.02 3.28 0.93
HN22 L1J A 1 -1.19 1.08 -0.66
HN21 L1J A 1 -0.82 1.90 0.85
H2'2 L1J A 1 2.14 -0.26 -5.01
H2'1 L1J A 1 0.83 0.05 -3.83
H3' L1J A 1 -0.43 -0.92 -5.62
P BGM A 6 -0.09 -3.88 -0.16
OP1 BGM A 6 -0.63 -5.10 -0.83
OP2 BGM A 6 0.06 -2.63 -0.94
O5' BGM A 6 -1.02 -3.55 1.12
C5' BGM A 6 -1.40 -4.55 2.04
C4' BGM A 6 -2.03 -3.96 3.31
O4' BGM A 6 -1.04 -3.28 4.08
C1' BGM A 6 -1.53 -1.98 4.39
N9 BGM A 6 -0.41 -1.01 4.56
C8 BGM A 6 -0.01 -0.38 5.73
N7 BGM A 6 1.07 0.33 5.62
C5 BGM A 6 1.44 0.17 4.28
C4 BGM A 6 0.54 -0.64 3.62
N3 BGM A 6 0.61 -0.99 2.30
C2 BGM A 6 1.65 -0.46 1.65
N2 BGM A 6 1.79 -0.74 0.38
N1 BGM A 6 2.58 0.36 2.23
C6 BGM A 6 2.58 0.68 3.56
O6 BGM A 6 3.50 1.36 4.01
C2' BGM A 6 -2.52 -1.63 3.28
C3' BGM A 6 -3.17 -2.98 3.00
O3' BGM A 6 -4.28 -3.27 3.84
BR BGM A 6 -0.89 -0.52 7.40
H5' BGM A 6 -0.52 -5.14 2.34
H5'' BGM A 6 -2.11 -5.23 1.57
H4' BGM A 6 -2.43 -4.78 3.91
H1' BGM A 6 -2.09 -2.05 5.31
H21 BGM A 6 2.53 -0.34 -0.18
H22 BGM A 6 1.11 -1.38 -0.05
H1 BGM A 6 3.33 0.75 1.67
H2' BGM A 6 -3.24 -0.89 3.63
H2'' BGM A 6 -2.01 -1.26 2.39
H3' BGM A 6 -3.46 -3.05 1.94
O5' L1J A 1 -1.78 0.72 -3.24
C5' L1J A 1 -2.07 1.07 -4.58
C4' L1J A 1 -0.82 1.20 -5.47
O4' L1J A 1 0.01 2.24 -4.96
C1' L1J A 1 1.31 1.71 -4.75
N9 L1J A 1 2.00 2.40 -3.64
C8 L1J A 1 3.13 3.17 -3.72
N7 L1J A 1 3.46 3.77 -2.61
C5 L1J A 1 2.46 3.37 -1.72
C4 L1J A 1 1.57 2.52 -2.33
N3 L1J A 1 0.47 1.93 -1.75
C2 L1J A 1 0.35 2.22 -0.46
N1 L1J A 1 1.17 3.04 0.24
C6 L1J A 1 2.25 3.70 -0.34
O6 L1J A 1 2.90 4.46 0.37
N2 L1J A 1 -0.67 1.68 0.15
C2' L1J A 1 1.13 0.21 -4.53
C3' L1J A 1 0.04 -0.08 -5.56
O3' L1J A 1 0.57 -0.20 -6.87
HO5' L1J A 1 -1.01 1.25 -2.92
H5'2 L1J A 1 -2.72 0.31 -5.02
H5'1 L1J A 1 -2.60 2.01 -4.60
H4' L1J A 1 -1.14 1.46 -6.48
H1' L1J A 1 1.90 1.84 -5.67
H8 L1J A 1 3.70 3.28 -4.64
HN1 L1J A 1 1.03 3.18 1.22
HN22 L1J A 1 -1.27 1.07 -0.39
HN21 L1J A 1 -0.83 1.83 1.13
H2'2 L1J A 1 2.06 -0.33 -4.73
H2'1 L1J A 1 0.79 -0.01 -3.53
H3' L1J A 1 -0.54 -0.96 -5.27
P BGM A 6 -0.37 -4.64 0.22
OP1 BGM A 6 -0.76 -6.03 -0.11
OP2 BGM A 6 -0.47 -3.60 -0.83
O5' BGM A 6 -1.21 -4.15 1.50
C5' BGM A 6 -1.51 -5.03 2.58
C4' BGM A 6 -2.10 -4.28 3.77
O4' BGM A 6 -1.09 -3.56 4.46
C1' BGM A 6 -1.59 -2.27 4.77
N9 BGM A 6 -0.49 -1.29 4.98
C8 BGM A 6 -0.13 -0.66 6.16
N7 BGM A 6 0.94 0.09 6.08
C5 BGM A 6 1.34 -0.06 4.75
C4 BGM A 6 0.47 -0.89 4.08
N3 BGM A 6 0.58 -1.26 2.75
C2 BGM A 6 1.61 -0.69 2.12
N2 BGM A 6 1.76 -0.98 0.84
N1 BGM A 6 2.50 0.15 2.71
C6 BGM A 6 2.45 0.50 4.04
O6 BGM A 6 3.35 1.21 4.50
C2' BGM A 6 -2.54 -1.94 3.62
C3' BGM A 6 -3.21 -3.28 3.38
O3' BGM A 6 -4.36 -3.51 4.19
BR BGM A 6 -1.01 -0.84 7.82
H5' BGM A 6 -0.61 -5.54 2.89
H5'' BGM A 6 -2.22 -5.78 2.23
H4' BGM A 6 -2.53 -5.02 4.46
H1' BGM A 6 -2.19 -2.34 5.68
H21 BGM A 6 2.50 -0.56 0.29
H22 BGM A 6 1.10 -1.61 0.42
H1 BGM A 6 3.23 0.58 2.15
H2' BGM A 6 -3.24 -1.16 3.90
H2'' BGM A 6 -2.00 -1.64 2.72
H3' BGM A 6 -3.48 -3.40 2.32
O5' L1J A 1 -1.99 1.36 -3.26
C5' L1J A 1 -2.28 1.74 -4.60
C4' L1J A 1 -1.05 1.86 -5.50
O4' L1J A 1 -0.17 2.86 -4.97
C1' L1J A 1 1.11 2.29 -4.80
N9 L1J A 1 1.84 2.93 -3.68
C8 L1J A 1 2.98 3.67 -3.77
N7 L1J A 1 3.36 4.22 -2.65
C5 L1J A 1 2.37 3.83 -1.75
C4 L1J A 1 1.44 3.02 -2.37
N3 L1J A 1 0.35 2.45 -1.77
C2 L1J A 1 0.26 2.70 -0.47
N1 L1J A 1 1.12 3.48 0.22
C6 L1J A 1 2.20 4.12 -0.36
O6 L1J A 1 2.90 4.85 0.36
N2 L1J A 1 -0.76 2.18 0.15
C2' L1J A 1 0.88 0.79 -4.62
C3' L1J A 1 -0.23 0.56 -5.64
O3' L1J A 1 0.26 0.45 -6.97
HO5' L1J A 1 -1.21 1.85 -2.95
H5'2 L1J A 1 -2.96 1.02 -5.04
H5'1 L1J A 1 -2.79 2.71 -4.60
H4' L1J A 1 -1.38 2.16 -6.50
H1' L1J A 1 1.69 2.43 -5.72
H8 L1J A 1 3.54 3.78 -4.70
HN1 L1J A 1 1.01 3.61 1.22
HN22 L1J A 1 -1.37 1.59 -0.38
HN21 L1J A 1 -0.90 2.30 1.15
H2'2 L1J A 1 1.79 0.22 -4.82
H2'1 L1J A 1 0.54 0.56 -3.61
H3' L1J A 1 -0.83 -0.31 -5.37
P BGM A 6 -0.24 -3.72 -0.03
OP1 BGM A 6 -0.80 -4.91 -0.71
OP2 BGM A 6 -0.09 -2.45 -0.78
O5' BGM A 6 -1.10 -3.42 1.29
C5' BGM A 6 -1.47 -4.46 2.19
C4' BGM A 6 -2.09 -3.88 3.48
O4' BGM A 6 -1.10 -3.20 4.24
C1' BGM A 6 -1.59 -1.92 4.59
N9 BGM A 6 -0.48 -0.93 4.77
C8 BGM A 6 -0.08 -0.32 5.94
N7 BGM A 6 0.98 0.42 5.83
C5 BGM A 6 1.34 0.28 4.49
C4 BGM A 6 0.45 -0.53 3.83
N3 BGM A 6 0.51 -0.86 2.50
C2 BGM A 6 1.52 -0.30 1.84
N2 BGM A 6 1.65 -0.57 0.57
N1 BGM A 6 2.44 0.52 2.42
C6 BGM A 6 2.45 0.84 3.77
O6 BGM A 6 3.36 1.53 4.20
C2' BGM A 6 -2.60 -1.55 3.50
C3' BGM A 6 -3.25 -2.90 3.19
O3' BGM A 6 -4.35 -3.21 4.04
BR BGM A 6 -0.94 -0.50 7.63
H5' BGM A 6 -0.58 -5.03 2.47
H5'' BGM A 6 -2.18 -5.13 1.73
H4' BGM A 6 -2.48 -4.72 4.08
H1' BGM A 6 -2.15 -2.01 5.52
H21 BGM A 6 2.37 -0.14 0.01
H22 BGM A 6 0.97 -1.20 0.14
H1 BGM A 6 3.17 0.92 1.86
H2' BGM A 6 -3.32 -0.82 3.86
H2'' BGM A 6 -2.11 -1.17 2.61
H3' BGM A 6 -3.54 -2.95 2.15
#